data_6APT
#
_entry.id   6APT
#
_cell.length_a   44.676
_cell.length_b   94.401
_cell.length_c   110.016
_cell.angle_alpha   90.00
_cell.angle_beta   90.00
_cell.angle_gamma   90.00
#
_symmetry.space_group_name_H-M   'P 2 2 21'
#
loop_
_entity.id
_entity.type
_entity.pdbx_description
1 polymer 'Hypoxanthine-guanine phosphoribosyltransferase'
2 non-polymer '{[(2S)-3-(2-amino-6-oxo-1,6-dihydro-9H-purin-9-yl)propane-1,2-diyl]bis(oxyethane-2,1-diyl)}bis(phosphonic acid)'
3 non-polymer DI(HYDROXYETHYL)ETHER
4 water water
#
_entity_poly.entity_id   1
_entity_poly.type   'polypeptide(L)'
_entity_poly.pdbx_seq_one_letter_code
;HHHHHHMEPACKYDFATSVLFTEAELHTRMRGVAQRIADDYSNCNLKPLENPLVIVSVLKGSFVFTADMVRILGDFGVPT
RVEFLRASSYGHDTKSCGRVDVKADGLCDIRGKHVLVLEDILDTALTLREVVDSLKKSEPASIKTLVAIDKPGGRKIPFT
AEYVVADVPNVFVVGYGLDYDQSYREVRDVVILKPSVYETWGKELERRKAAGEAKR
;
_entity_poly.pdbx_strand_id   A,B
#
loop_
_chem_comp.id
_chem_comp.type
_chem_comp.name
_chem_comp.formula
45T non-polymer '{[(2S)-3-(2-amino-6-oxo-1,6-dihydro-9H-purin-9-yl)propane-1,2-diyl]bis(oxyethane-2,1-diyl)}bis(phosphonic acid)' 'C12 H21 N5 O9 P2'
PEG non-polymer DI(HYDROXYETHYL)ETHER 'C4 H10 O3'
#
# COMPACT_ATOMS: atom_id res chain seq x y z
N CYS A 11 -19.83 6.55 7.04
CA CYS A 11 -19.64 5.14 6.71
C CYS A 11 -20.99 4.46 6.53
N LYS A 12 -21.09 3.69 5.44
CA LYS A 12 -22.32 3.03 5.05
C LYS A 12 -22.66 1.85 5.95
N TYR A 13 -21.74 1.37 6.76
CA TYR A 13 -22.00 0.30 7.71
C TYR A 13 -21.96 0.87 9.12
N ASP A 14 -22.91 0.42 9.94
CA ASP A 14 -23.00 0.83 11.33
C ASP A 14 -22.00 0.10 12.23
N PHE A 15 -21.34 -0.95 11.74
CA PHE A 15 -20.38 -1.71 12.52
C PHE A 15 -18.94 -1.38 12.15
N ALA A 16 -18.73 -0.46 11.24
CA ALA A 16 -17.40 -0.16 10.73
C ALA A 16 -17.08 1.31 10.96
N THR A 17 -15.80 1.62 11.19
CA THR A 17 -15.42 3.03 11.23
C THR A 17 -14.98 3.56 9.87
N SER A 18 -14.39 2.73 9.02
CA SER A 18 -13.92 3.14 7.70
C SER A 18 -14.09 1.98 6.71
N VAL A 19 -14.43 2.28 5.47
CA VAL A 19 -14.34 1.34 4.36
C VAL A 19 -12.97 1.56 3.71
N LEU A 20 -12.17 0.51 3.62
CA LEU A 20 -10.83 0.64 3.05
C LEU A 20 -10.82 0.33 1.56
N PHE A 21 -11.45 -0.76 1.14
CA PHE A 21 -11.54 -1.09 -0.28
C PHE A 21 -12.94 -1.58 -0.55
N THR A 22 -13.60 -1.01 -1.55
CA THR A 22 -14.89 -1.54 -1.98
C THR A 22 -14.67 -2.80 -2.81
N GLU A 23 -15.75 -3.57 -2.92
CA GLU A 23 -15.79 -4.71 -3.81
C GLU A 23 -15.41 -4.29 -5.22
N ALA A 24 -15.93 -3.14 -5.70
CA ALA A 24 -15.54 -2.67 -7.04
C ALA A 24 -14.04 -2.39 -7.12
N GLU A 25 -13.46 -1.74 -6.11
CA GLU A 25 -12.02 -1.46 -6.13
C GLU A 25 -11.22 -2.75 -6.14
N LEU A 26 -11.64 -3.73 -5.33
CA LEU A 26 -10.93 -5.01 -5.27
C LEU A 26 -10.99 -5.72 -6.62
N HIS A 27 -12.17 -5.72 -7.26
CA HIS A 27 -12.27 -6.44 -8.53
C HIS A 27 -11.44 -5.77 -9.61
N THR A 28 -11.39 -4.45 -9.62
CA THR A 28 -10.51 -3.76 -10.56
C THR A 28 -9.04 -4.15 -10.36
N ARG A 29 -8.58 -4.18 -9.12
CA ARG A 29 -7.20 -4.61 -8.86
C ARG A 29 -6.99 -6.09 -9.21
N MET A 30 -8.00 -6.94 -8.96
CA MET A 30 -7.89 -8.34 -9.31
C MET A 30 -7.73 -8.53 -10.81
N ARG A 31 -8.43 -7.69 -11.58
CA ARG A 31 -8.26 -7.78 -13.02
C ARG A 31 -6.84 -7.39 -13.42
N GLY A 32 -6.26 -6.35 -12.81
CA GLY A 32 -4.87 -6.01 -13.09
C GLY A 32 -3.91 -7.14 -12.74
N VAL A 33 -4.12 -7.76 -11.59
CA VAL A 33 -3.28 -8.90 -11.19
C VAL A 33 -3.47 -10.07 -12.13
N ALA A 34 -4.72 -10.35 -12.54
CA ALA A 34 -4.97 -11.48 -13.42
C ALA A 34 -4.24 -11.32 -14.75
N GLN A 35 -4.17 -10.11 -15.27
CA GLN A 35 -3.43 -9.86 -16.50
C GLN A 35 -1.95 -10.22 -16.31
N ARG A 36 -1.37 -9.86 -15.16
CA ARG A 36 0.02 -10.19 -14.87
C ARG A 36 0.20 -11.70 -14.75
N ILE A 37 -0.74 -12.36 -14.08
CA ILE A 37 -0.67 -13.82 -13.95
C ILE A 37 -0.77 -14.46 -15.33
N ALA A 38 -1.74 -14.02 -16.15
CA ALA A 38 -1.88 -14.56 -17.49
C ALA A 38 -0.58 -14.41 -18.27
N ASP A 39 0.04 -13.25 -18.20
CA ASP A 39 1.32 -13.02 -18.88
C ASP A 39 2.39 -13.93 -18.33
N ASP A 40 2.51 -13.99 -17.00
CA ASP A 40 3.59 -14.76 -16.38
C ASP A 40 3.44 -16.25 -16.66
N TYR A 41 2.21 -16.76 -16.81
CA TYR A 41 2.03 -18.19 -17.03
C TYR A 41 1.78 -18.55 -18.48
N SER A 42 1.81 -17.55 -19.39
CA SER A 42 1.63 -17.86 -20.80
C SER A 42 2.71 -18.81 -21.30
N ASN A 43 3.89 -18.78 -20.68
CA ASN A 43 4.99 -19.65 -21.08
C ASN A 43 4.82 -21.09 -20.60
N CYS A 44 3.72 -21.41 -19.92
CA CYS A 44 3.57 -22.69 -19.25
C CYS A 44 2.65 -23.66 -19.98
N ASN A 45 1.95 -23.21 -21.02
CA ASN A 45 1.01 -24.03 -21.78
C ASN A 45 -0.01 -24.69 -20.85
N LEU A 46 -0.64 -23.85 -20.04
CA LEU A 46 -1.71 -24.33 -19.19
C LEU A 46 -2.93 -24.72 -20.03
N LYS A 47 -3.66 -25.73 -19.56
CA LYS A 47 -4.80 -26.29 -20.27
C LYS A 47 -5.74 -26.95 -19.27
N PRO A 48 -7.06 -26.82 -19.43
CA PRO A 48 -7.96 -27.60 -18.58
C PRO A 48 -7.59 -29.09 -18.70
N LEU A 49 -7.78 -29.80 -17.59
CA LEU A 49 -7.55 -31.24 -17.44
C LEU A 49 -6.07 -31.63 -17.56
N GLU A 50 -5.47 -31.32 -18.71
CA GLU A 50 -4.11 -31.78 -18.95
CA GLU A 50 -4.10 -31.75 -18.98
C GLU A 50 -3.10 -31.03 -18.10
N ASN A 51 -3.30 -29.72 -17.89
CA ASN A 51 -2.30 -28.95 -17.17
C ASN A 51 -2.87 -27.66 -16.58
N PRO A 52 -3.84 -27.74 -15.67
CA PRO A 52 -4.36 -26.53 -15.06
C PRO A 52 -3.38 -25.95 -14.06
N LEU A 53 -3.51 -24.64 -13.84
CA LEU A 53 -2.88 -24.01 -12.67
C LEU A 53 -3.57 -24.50 -11.40
N VAL A 54 -2.80 -25.01 -10.44
CA VAL A 54 -3.38 -25.55 -9.22
C VAL A 54 -3.49 -24.41 -8.21
N ILE A 55 -4.72 -24.04 -7.89
CA ILE A 55 -4.98 -22.99 -6.90
C ILE A 55 -5.11 -23.65 -5.54
N VAL A 56 -4.23 -23.29 -4.61
CA VAL A 56 -4.33 -23.81 -3.25
C VAL A 56 -4.82 -22.68 -2.38
N SER A 57 -6.06 -22.79 -1.91
CA SER A 57 -6.75 -21.74 -1.16
C SER A 57 -6.59 -22.02 0.33
N VAL A 58 -6.05 -21.04 1.07
CA VAL A 58 -5.54 -21.24 2.44
C VAL A 58 -6.27 -20.27 3.36
N LEU A 59 -6.71 -20.77 4.54
CA LEU A 59 -7.56 -20.09 5.55
C LEU A 59 -9.02 -20.20 5.13
N LYS A 60 -9.94 -20.44 6.08
CA LYS A 60 -11.35 -20.58 5.72
C LYS A 60 -11.88 -19.36 4.96
N GLY A 61 -11.47 -18.17 5.37
CA GLY A 61 -12.00 -16.95 4.77
C GLY A 61 -11.64 -16.75 3.31
N SER A 62 -10.60 -17.43 2.82
CA SER A 62 -10.19 -17.18 1.44
C SER A 62 -11.21 -17.65 0.43
N PHE A 63 -12.31 -18.30 0.85
CA PHE A 63 -13.22 -18.81 -0.20
C PHE A 63 -13.84 -17.71 -1.05
N VAL A 64 -14.08 -16.51 -0.50
CA VAL A 64 -14.68 -15.43 -1.29
C VAL A 64 -13.71 -14.97 -2.36
N PHE A 65 -12.50 -14.61 -1.93
CA PHE A 65 -11.45 -14.21 -2.84
C PHE A 65 -11.21 -15.28 -3.89
N THR A 66 -11.16 -16.55 -3.45
CA THR A 66 -10.86 -17.65 -4.38
C THR A 66 -11.96 -17.76 -5.44
N ALA A 67 -13.22 -17.70 -5.00
CA ALA A 67 -14.32 -17.79 -5.95
C ALA A 67 -14.25 -16.68 -6.98
N ASP A 68 -13.94 -15.45 -6.54
CA ASP A 68 -13.91 -14.35 -7.49
C ASP A 68 -12.68 -14.44 -8.38
N MET A 69 -11.54 -14.78 -7.77
CA MET A 69 -10.28 -14.79 -8.52
C MET A 69 -10.25 -15.88 -9.59
N VAL A 70 -10.71 -17.10 -9.28
CA VAL A 70 -10.62 -18.12 -10.32
C VAL A 70 -11.52 -17.74 -11.49
N ARG A 71 -12.65 -17.07 -11.23
CA ARG A 71 -13.51 -16.67 -12.34
C ARG A 71 -12.84 -15.59 -13.19
N ILE A 72 -12.20 -14.62 -12.54
CA ILE A 72 -11.44 -13.61 -13.29
C ILE A 72 -10.28 -14.26 -14.06
N LEU A 73 -9.53 -15.18 -13.44
CA LEU A 73 -8.44 -15.83 -14.16
C LEU A 73 -8.96 -16.60 -15.38
N GLY A 74 -10.12 -17.24 -15.26
CA GLY A 74 -10.73 -17.89 -16.41
C GLY A 74 -11.02 -16.90 -17.53
N ASP A 75 -11.50 -15.70 -17.18
CA ASP A 75 -11.72 -14.66 -18.19
C ASP A 75 -10.43 -14.36 -18.95
N PHE A 76 -9.31 -14.39 -18.24
CA PHE A 76 -8.01 -14.07 -18.83
C PHE A 76 -7.32 -15.29 -19.42
N GLY A 77 -8.02 -16.43 -19.53
CA GLY A 77 -7.46 -17.60 -20.19
C GLY A 77 -6.55 -18.45 -19.35
N VAL A 78 -6.69 -18.40 -18.03
CA VAL A 78 -5.84 -19.17 -17.13
C VAL A 78 -6.74 -20.23 -16.51
N PRO A 79 -6.63 -21.49 -16.96
CA PRO A 79 -7.51 -22.55 -16.43
C PRO A 79 -6.97 -23.04 -15.10
N THR A 80 -7.88 -23.31 -14.16
CA THR A 80 -7.46 -23.69 -12.83
C THR A 80 -8.14 -24.98 -12.36
N ARG A 81 -7.54 -25.56 -11.33
CA ARG A 81 -8.26 -26.45 -10.44
C ARG A 81 -7.98 -25.97 -9.01
N VAL A 82 -8.90 -26.24 -8.10
CA VAL A 82 -8.83 -25.67 -6.76
CA VAL A 82 -8.83 -25.68 -6.75
C VAL A 82 -8.66 -26.79 -5.73
N GLU A 83 -7.87 -26.52 -4.69
CA GLU A 83 -7.72 -27.35 -3.50
C GLU A 83 -7.86 -26.38 -2.32
N PHE A 84 -8.38 -26.87 -1.19
CA PHE A 84 -8.57 -26.06 0.00
C PHE A 84 -7.81 -26.64 1.17
N LEU A 85 -7.00 -25.79 1.81
CA LEU A 85 -6.28 -26.08 3.06
C LEU A 85 -6.90 -25.20 4.15
N ARG A 86 -7.80 -25.75 4.95
CA ARG A 86 -8.57 -24.91 5.88
C ARG A 86 -9.14 -25.72 7.03
N ASP A 109 -2.42 -34.42 -5.97
CA ASP A 109 -0.98 -34.43 -6.24
C ASP A 109 -0.55 -33.22 -7.08
N ILE A 110 0.41 -32.47 -6.56
CA ILE A 110 0.91 -31.27 -7.23
C ILE A 110 2.28 -31.48 -7.85
N ARG A 111 2.84 -32.68 -7.78
CA ARG A 111 4.12 -33.00 -8.39
C ARG A 111 4.17 -32.55 -9.85
N GLY A 112 5.18 -31.75 -10.18
CA GLY A 112 5.33 -31.30 -11.54
C GLY A 112 4.29 -30.33 -12.04
N LYS A 113 3.43 -29.81 -11.16
CA LYS A 113 2.36 -28.92 -11.53
C LYS A 113 2.68 -27.52 -11.01
N HIS A 114 2.17 -26.50 -11.68
CA HIS A 114 2.28 -25.12 -11.20
C HIS A 114 1.23 -24.86 -10.13
N VAL A 115 1.65 -24.28 -9.02
CA VAL A 115 0.78 -24.03 -7.87
C VAL A 115 0.77 -22.55 -7.60
N LEU A 116 -0.42 -22.01 -7.38
CA LEU A 116 -0.59 -20.65 -6.95
C LEU A 116 -1.36 -20.74 -5.62
N VAL A 117 -0.72 -20.35 -4.54
CA VAL A 117 -1.36 -20.33 -3.23
C VAL A 117 -2.09 -19.01 -3.06
N LEU A 118 -3.39 -19.07 -2.71
CA LEU A 118 -4.22 -17.90 -2.48
C LEU A 118 -4.57 -17.78 -1.00
N GLU A 119 -4.46 -16.56 -0.48
CA GLU A 119 -4.81 -16.30 0.91
C GLU A 119 -5.50 -14.95 0.95
N ASP A 120 -6.54 -14.83 1.78
CA ASP A 120 -7.23 -13.54 1.85
C ASP A 120 -6.37 -12.46 2.52
N ILE A 121 -5.58 -12.81 3.53
CA ILE A 121 -4.71 -11.81 4.16
C ILE A 121 -3.38 -12.42 4.53
N LEU A 122 -2.33 -11.61 4.37
CA LEU A 122 -0.94 -11.92 4.69
C LEU A 122 -0.49 -10.90 5.72
N ASP A 123 -0.07 -11.38 6.89
CA ASP A 123 0.22 -10.46 8.00
C ASP A 123 1.57 -10.81 8.61
N THR A 124 1.61 -11.74 9.56
CA THR A 124 2.90 -12.17 10.10
C THR A 124 3.70 -12.97 9.09
N ALA A 125 3.04 -13.57 8.10
CA ALA A 125 3.57 -14.48 7.06
C ALA A 125 3.82 -15.87 7.61
N LEU A 126 3.47 -16.15 8.86
CA LEU A 126 3.75 -17.48 9.41
C LEU A 126 2.94 -18.56 8.70
N THR A 127 1.69 -18.25 8.34
CA THR A 127 0.84 -19.24 7.63
C THR A 127 1.43 -19.60 6.27
N LEU A 128 1.72 -18.59 5.44
CA LEU A 128 2.18 -18.87 4.10
C LEU A 128 3.56 -19.49 4.09
N ARG A 129 4.44 -19.08 5.02
CA ARG A 129 5.77 -19.68 5.07
C ARG A 129 5.66 -21.18 5.26
N GLU A 130 4.80 -21.59 6.19
CA GLU A 130 4.59 -23.01 6.44
C GLU A 130 3.97 -23.71 5.25
N VAL A 131 2.92 -23.11 4.67
CA VAL A 131 2.22 -23.74 3.54
C VAL A 131 3.17 -23.91 2.36
N VAL A 132 3.90 -22.84 2.03
CA VAL A 132 4.77 -22.91 0.86
C VAL A 132 5.88 -23.94 1.09
N ASP A 133 6.45 -23.94 2.30
CA ASP A 133 7.48 -24.94 2.61
C ASP A 133 6.93 -26.36 2.53
N SER A 134 5.72 -26.59 3.04
CA SER A 134 5.14 -27.93 2.96
CA SER A 134 5.13 -27.92 2.96
C SER A 134 4.91 -28.36 1.51
N LEU A 135 4.30 -27.48 0.71
CA LEU A 135 4.05 -27.82 -0.68
C LEU A 135 5.34 -28.05 -1.45
N LYS A 136 6.41 -27.34 -1.08
CA LYS A 136 7.69 -27.54 -1.76
C LYS A 136 8.16 -28.98 -1.66
N LYS A 137 7.86 -29.66 -0.55
CA LYS A 137 8.23 -31.06 -0.38
C LYS A 137 7.62 -31.99 -1.44
N SER A 138 6.53 -31.58 -2.10
CA SER A 138 5.96 -32.39 -3.18
C SER A 138 6.51 -32.04 -4.55
N GLU A 139 7.52 -31.16 -4.63
CA GLU A 139 8.18 -30.74 -5.85
C GLU A 139 7.21 -30.35 -6.97
N PRO A 140 6.45 -29.27 -6.78
CA PRO A 140 5.68 -28.72 -7.89
C PRO A 140 6.61 -28.11 -8.93
N ALA A 141 6.09 -27.92 -10.14
CA ALA A 141 6.87 -27.23 -11.16
C ALA A 141 7.27 -25.84 -10.68
N SER A 142 6.33 -25.10 -10.08
CA SER A 142 6.68 -23.82 -9.48
C SER A 142 5.65 -23.54 -8.42
N ILE A 143 5.96 -22.60 -7.55
CA ILE A 143 5.01 -22.21 -6.52
C ILE A 143 5.13 -20.71 -6.29
N LYS A 144 4.00 -20.02 -6.35
CA LYS A 144 3.91 -18.59 -6.15
C LYS A 144 2.70 -18.34 -5.26
N THR A 145 2.59 -17.11 -4.73
CA THR A 145 1.51 -16.77 -3.82
C THR A 145 0.80 -15.52 -4.30
N LEU A 146 -0.50 -15.50 -4.06
CA LEU A 146 -1.38 -14.39 -4.40
C LEU A 146 -2.21 -14.10 -3.17
N VAL A 147 -2.17 -12.87 -2.70
CA VAL A 147 -2.98 -12.53 -1.54
C VAL A 147 -3.89 -11.35 -1.85
N ALA A 148 -5.08 -11.36 -1.26
CA ALA A 148 -6.00 -10.25 -1.47
C ALA A 148 -5.53 -9.00 -0.69
N ILE A 149 -5.24 -9.16 0.59
CA ILE A 149 -4.81 -8.05 1.45
C ILE A 149 -3.44 -8.38 2.03
N ASP A 150 -2.46 -7.52 1.79
CA ASP A 150 -1.17 -7.65 2.45
C ASP A 150 -1.08 -6.59 3.53
N LYS A 151 -0.64 -6.99 4.73
CA LYS A 151 -0.31 -6.03 5.76
C LYS A 151 1.20 -6.05 5.89
N PRO A 152 1.89 -5.28 5.05
CA PRO A 152 3.37 -5.37 4.98
C PRO A 152 4.03 -5.10 6.31
N GLY A 153 3.41 -4.31 7.17
CA GLY A 153 4.00 -3.94 8.45
C GLY A 153 3.82 -4.96 9.54
N GLY A 154 3.21 -6.11 9.25
CA GLY A 154 2.88 -7.10 10.25
C GLY A 154 3.85 -8.26 10.33
N ARG A 155 4.90 -8.26 9.52
CA ARG A 155 5.70 -9.46 9.36
C ARG A 155 6.36 -9.87 10.66
N LYS A 156 6.39 -11.18 10.93
CA LYS A 156 7.27 -11.72 11.96
C LYS A 156 8.47 -12.42 11.35
N ILE A 157 8.41 -12.69 10.05
CA ILE A 157 9.51 -13.17 9.23
C ILE A 157 9.44 -12.47 7.88
N PRO A 158 10.57 -12.35 7.18
CA PRO A 158 10.52 -11.74 5.85
C PRO A 158 9.73 -12.61 4.88
N PHE A 159 8.81 -11.99 4.15
CA PHE A 159 8.06 -12.75 3.15
C PHE A 159 7.44 -11.77 2.18
N THR A 160 7.56 -12.05 0.89
CA THR A 160 6.99 -11.23 -0.16
C THR A 160 6.11 -12.13 -1.01
N ALA A 161 4.84 -11.75 -1.15
CA ALA A 161 3.94 -12.45 -2.06
C ALA A 161 4.23 -12.00 -3.49
N GLU A 162 4.15 -12.94 -4.44
CA GLU A 162 4.37 -12.58 -5.84
C GLU A 162 3.32 -11.59 -6.34
N TYR A 163 2.08 -11.76 -5.89
CA TYR A 163 0.96 -10.96 -6.38
C TYR A 163 0.16 -10.50 -5.17
N VAL A 164 -0.14 -9.19 -5.11
CA VAL A 164 -0.89 -8.61 -4.01
C VAL A 164 -1.98 -7.75 -4.62
N VAL A 165 -3.24 -8.00 -4.23
CA VAL A 165 -4.33 -7.18 -4.73
C VAL A 165 -4.28 -5.78 -4.08
N ALA A 166 -4.16 -5.73 -2.75
CA ALA A 166 -4.22 -4.47 -2.00
C ALA A 166 -3.40 -4.56 -0.73
N ASP A 167 -2.86 -3.42 -0.32
CA ASP A 167 -2.07 -3.26 0.91
C ASP A 167 -2.93 -2.58 1.97
N VAL A 168 -2.80 -3.01 3.22
CA VAL A 168 -3.47 -2.33 4.33
C VAL A 168 -2.45 -1.98 5.42
N PRO A 169 -2.60 -0.84 6.17
CA PRO A 169 -1.71 -0.61 7.32
C PRO A 169 -2.02 -1.57 8.47
N ASN A 170 -1.33 -1.44 9.62
CA ASN A 170 -1.51 -2.41 10.71
C ASN A 170 -2.79 -2.11 11.48
N VAL A 171 -3.93 -2.48 10.87
CA VAL A 171 -5.24 -2.31 11.46
C VAL A 171 -6.02 -3.59 11.24
N PHE A 172 -6.98 -3.85 12.11
CA PHE A 172 -7.75 -5.11 12.02
C PHE A 172 -8.98 -4.90 11.12
N VAL A 173 -9.08 -5.68 10.04
CA VAL A 173 -10.12 -5.49 9.04
C VAL A 173 -11.03 -6.71 9.01
N VAL A 174 -12.26 -6.52 8.52
CA VAL A 174 -13.20 -7.60 8.22
C VAL A 174 -13.80 -7.34 6.84
N GLY A 175 -14.49 -8.36 6.34
CA GLY A 175 -15.16 -8.31 5.05
C GLY A 175 -14.38 -9.05 3.97
N TYR A 176 -15.05 -9.27 2.84
CA TYR A 176 -14.45 -9.98 1.68
C TYR A 176 -13.82 -11.29 2.13
N GLY A 177 -14.53 -12.03 3.00
CA GLY A 177 -14.09 -13.30 3.56
C GLY A 177 -13.47 -13.19 4.95
N LEU A 178 -12.97 -12.02 5.33
CA LEU A 178 -12.30 -11.85 6.63
C LEU A 178 -13.33 -11.67 7.75
N ASP A 179 -13.13 -12.39 8.87
CA ASP A 179 -14.13 -12.46 9.94
C ASP A 179 -13.66 -11.78 11.21
N TYR A 180 -14.64 -11.47 12.04
CA TYR A 180 -14.43 -11.27 13.46
C TYR A 180 -15.27 -12.33 14.15
N ASP A 181 -14.60 -13.26 14.83
CA ASP A 181 -15.24 -14.40 15.51
C ASP A 181 -16.32 -15.04 14.65
N GLN A 182 -15.96 -15.31 13.39
CA GLN A 182 -16.74 -16.04 12.39
C GLN A 182 -17.83 -15.17 11.73
N SER A 183 -18.08 -13.94 12.19
CA SER A 183 -19.07 -13.07 11.56
C SER A 183 -18.36 -12.08 10.64
N TYR A 184 -19.16 -11.40 9.82
CA TYR A 184 -18.79 -10.32 8.92
C TYR A 184 -18.03 -10.78 7.65
N ARG A 185 -17.84 -12.08 7.43
CA ARG A 185 -17.16 -12.50 6.20
C ARG A 185 -17.91 -12.03 4.97
N GLU A 186 -19.23 -11.94 5.08
CA GLU A 186 -20.07 -11.66 3.91
C GLU A 186 -20.13 -10.18 3.55
N VAL A 187 -19.51 -9.28 4.32
CA VAL A 187 -19.46 -7.87 3.95
C VAL A 187 -18.73 -7.76 2.64
N ARG A 188 -19.30 -7.02 1.69
CA ARG A 188 -18.76 -7.05 0.33
C ARG A 188 -17.45 -6.29 0.22
N ASP A 189 -17.20 -5.38 1.16
CA ASP A 189 -16.04 -4.51 1.21
C ASP A 189 -15.11 -4.92 2.34
N VAL A 190 -13.86 -4.45 2.26
CA VAL A 190 -12.92 -4.59 3.37
C VAL A 190 -13.02 -3.36 4.27
N VAL A 191 -13.32 -3.57 5.54
CA VAL A 191 -13.63 -2.46 6.43
C VAL A 191 -12.88 -2.59 7.74
N ILE A 192 -12.69 -1.45 8.40
CA ILE A 192 -12.16 -1.45 9.76
C ILE A 192 -13.31 -1.62 10.73
N LEU A 193 -13.23 -2.67 11.55
CA LEU A 193 -14.27 -2.96 12.52
C LEU A 193 -14.24 -1.95 13.68
N LYS A 194 -15.42 -1.49 14.08
CA LYS A 194 -15.52 -0.56 15.19
C LYS A 194 -15.07 -1.21 16.48
N PRO A 195 -14.30 -0.51 17.34
CA PRO A 195 -14.00 -1.05 18.67
C PRO A 195 -15.22 -1.44 19.47
N SER A 196 -16.33 -0.68 19.35
CA SER A 196 -17.54 -1.01 20.09
C SER A 196 -18.04 -2.42 19.76
N VAL A 197 -17.87 -2.85 18.50
CA VAL A 197 -18.34 -4.17 18.14
C VAL A 197 -17.65 -5.23 19.00
N TYR A 198 -16.32 -5.12 19.14
CA TYR A 198 -15.62 -6.22 19.78
C TYR A 198 -15.46 -6.03 21.28
N GLU A 199 -15.92 -4.91 21.81
CA GLU A 199 -16.10 -4.78 23.25
C GLU A 199 -17.50 -5.23 23.66
N THR A 200 -18.53 -4.69 23.00
CA THR A 200 -19.82 -5.37 22.95
C THR A 200 -19.71 -6.72 22.23
N TRP A 201 -18.83 -7.60 22.69
CA TRP A 201 -18.91 -9.02 22.35
C TRP A 201 -18.01 -9.81 23.29
N CYS B 11 -7.23 2.66 20.71
CA CYS B 11 -6.42 3.68 20.06
C CYS B 11 -5.85 4.67 21.08
N LYS B 12 -4.59 5.07 20.85
CA LYS B 12 -3.91 5.97 21.78
C LYS B 12 -4.57 7.34 21.84
N TYR B 13 -5.25 7.76 20.78
CA TYR B 13 -5.79 9.12 20.68
C TYR B 13 -7.31 9.08 20.64
N ASP B 14 -7.96 9.96 21.41
CA ASP B 14 -9.42 9.90 21.43
C ASP B 14 -10.07 10.66 20.27
N PHE B 15 -9.31 11.40 19.48
CA PHE B 15 -9.84 11.96 18.23
C PHE B 15 -9.60 11.04 17.04
N ALA B 16 -9.00 9.88 17.23
CA ALA B 16 -8.64 9.01 16.11
C ALA B 16 -9.37 7.68 16.22
N THR B 17 -9.68 7.07 15.09
CA THR B 17 -10.23 5.70 15.10
C THR B 17 -9.14 4.64 14.98
N SER B 18 -8.05 4.93 14.27
CA SER B 18 -6.92 4.02 14.19
C SER B 18 -5.64 4.80 13.90
N VAL B 19 -4.51 4.26 14.36
CA VAL B 19 -3.18 4.76 14.00
C VAL B 19 -2.72 3.97 12.78
N LEU B 20 -2.37 4.67 11.70
CA LEU B 20 -1.94 3.98 10.48
C LEU B 20 -0.42 3.81 10.43
N PHE B 21 0.34 4.88 10.69
CA PHE B 21 1.79 4.76 10.75
C PHE B 21 2.29 5.57 11.93
N THR B 22 3.13 4.95 12.75
CA THR B 22 3.78 5.69 13.82
C THR B 22 4.95 6.48 13.27
N GLU B 23 5.32 7.54 14.01
CA GLU B 23 6.56 8.27 13.74
C GLU B 23 7.72 7.33 13.49
N ALA B 24 7.87 6.28 14.32
CA ALA B 24 8.97 5.35 14.12
C ALA B 24 8.87 4.64 12.77
N GLU B 25 7.67 4.18 12.40
CA GLU B 25 7.51 3.49 11.12
C GLU B 25 7.84 4.42 9.95
N LEU B 26 7.40 5.68 10.05
CA LEU B 26 7.68 6.68 9.02
C LEU B 26 9.18 6.95 8.90
N HIS B 27 9.86 7.12 10.04
CA HIS B 27 11.29 7.41 9.97
C HIS B 27 12.07 6.25 9.35
N THR B 28 11.70 5.02 9.69
CA THR B 28 12.33 3.85 9.09
C THR B 28 12.14 3.83 7.58
N ARG B 29 10.93 4.05 7.12
CA ARG B 29 10.70 4.11 5.68
C ARG B 29 11.45 5.27 5.04
N MET B 30 11.54 6.39 5.76
CA MET B 30 12.25 7.54 5.22
C MET B 30 13.73 7.26 5.07
N ARG B 31 14.30 6.49 6.01
CA ARG B 31 15.70 6.09 5.84
C ARG B 31 15.88 5.20 4.62
N GLY B 32 14.91 4.31 4.36
CA GLY B 32 14.99 3.50 3.16
C GLY B 32 14.92 4.32 1.88
N VAL B 33 14.00 5.29 1.84
CA VAL B 33 13.90 6.19 0.71
C VAL B 33 15.17 7.03 0.57
N ALA B 34 15.72 7.47 1.70
CA ALA B 34 16.93 8.30 1.64
C ALA B 34 18.10 7.54 1.03
N GLN B 35 18.20 6.25 1.31
CA GLN B 35 19.26 5.47 0.68
C GLN B 35 19.08 5.43 -0.84
N ARG B 36 17.84 5.26 -1.32
CA ARG B 36 17.62 5.26 -2.76
C ARG B 36 17.95 6.61 -3.38
N ILE B 37 17.59 7.69 -2.69
CA ILE B 37 17.88 9.02 -3.21
C ILE B 37 19.38 9.26 -3.26
N ALA B 38 20.10 8.88 -2.19
CA ALA B 38 21.56 8.98 -2.17
C ALA B 38 22.19 8.21 -3.33
N ASP B 39 21.70 6.97 -3.57
CA ASP B 39 22.18 6.18 -4.70
C ASP B 39 21.81 6.83 -6.02
N ASP B 40 20.55 7.26 -6.17
CA ASP B 40 20.09 7.81 -7.45
C ASP B 40 20.84 9.10 -7.82
N TYR B 41 21.20 9.92 -6.84
CA TYR B 41 21.88 11.18 -7.09
C TYR B 41 23.39 11.08 -6.90
N SER B 42 23.92 9.86 -6.77
CA SER B 42 25.33 9.68 -6.46
C SER B 42 26.22 10.30 -7.53
N ASN B 43 25.84 10.17 -8.79
CA ASN B 43 26.61 10.71 -9.90
C ASN B 43 26.24 12.15 -10.25
N CYS B 44 25.58 12.86 -9.34
CA CYS B 44 25.17 14.23 -9.60
C CYS B 44 26.11 15.26 -9.00
N ASN B 45 27.07 14.82 -8.17
CA ASN B 45 28.09 15.68 -7.60
C ASN B 45 27.46 16.80 -6.77
N LEU B 46 26.50 16.40 -5.93
CA LEU B 46 25.84 17.35 -5.04
C LEU B 46 26.79 17.80 -3.96
N LYS B 47 26.79 19.09 -3.67
CA LYS B 47 27.65 19.67 -2.64
C LYS B 47 26.96 20.90 -2.06
N PRO B 48 27.16 21.18 -0.77
CA PRO B 48 26.64 22.44 -0.21
C PRO B 48 27.18 23.63 -0.99
N LEU B 49 26.34 24.67 -1.09
CA LEU B 49 26.64 25.95 -1.72
C LEU B 49 26.76 25.81 -3.22
N GLU B 50 27.71 24.99 -3.68
CA GLU B 50 27.98 24.87 -5.10
C GLU B 50 26.86 24.14 -5.85
N ASN B 51 26.29 23.10 -5.25
CA ASN B 51 25.30 22.30 -5.99
C ASN B 51 24.41 21.46 -5.08
N PRO B 52 23.64 22.07 -4.18
CA PRO B 52 22.73 21.26 -3.36
C PRO B 52 21.53 20.78 -4.16
N LEU B 53 20.95 19.69 -3.65
CA LEU B 53 19.64 19.28 -4.12
C LEU B 53 18.61 20.27 -3.65
N VAL B 54 17.83 20.80 -4.58
CA VAL B 54 16.84 21.82 -4.24
C VAL B 54 15.57 21.12 -3.83
N ILE B 55 15.20 21.28 -2.56
CA ILE B 55 13.98 20.69 -1.99
C ILE B 55 12.89 21.73 -2.12
N VAL B 56 11.85 21.44 -2.88
CA VAL B 56 10.71 22.34 -2.97
C VAL B 56 9.57 21.72 -2.18
N SER B 57 9.25 22.35 -1.06
CA SER B 57 8.25 21.85 -0.14
C SER B 57 6.90 22.51 -0.45
N VAL B 58 5.88 21.68 -0.69
CA VAL B 58 4.57 22.09 -1.19
C VAL B 58 3.52 21.71 -0.16
N LEU B 59 2.57 22.65 0.11
CA LEU B 59 1.48 22.56 1.10
C LEU B 59 2.01 22.94 2.48
N LYS B 60 1.26 23.76 3.22
CA LYS B 60 1.77 24.20 4.53
C LYS B 60 2.17 23.05 5.46
N GLY B 61 1.37 21.98 5.49
CA GLY B 61 1.62 20.89 6.41
C GLY B 61 2.92 20.15 6.14
N SER B 62 3.50 20.31 4.94
CA SER B 62 4.69 19.53 4.61
C SER B 62 5.90 19.97 5.38
N PHE B 63 5.81 21.01 6.23
CA PHE B 63 7.00 21.42 6.96
C PHE B 63 7.51 20.34 7.92
N VAL B 64 6.65 19.47 8.46
CA VAL B 64 7.10 18.44 9.40
C VAL B 64 7.91 17.39 8.66
N PHE B 65 7.31 16.85 7.58
CA PHE B 65 7.99 15.89 6.71
C PHE B 65 9.29 16.49 6.17
N THR B 66 9.24 17.75 5.72
CA THR B 66 10.42 18.40 5.17
C THR B 66 11.53 18.50 6.22
N ALA B 67 11.19 18.91 7.43
CA ALA B 67 12.22 19.02 8.47
C ALA B 67 12.87 17.68 8.76
N ASP B 68 12.08 16.61 8.83
CA ASP B 68 12.66 15.30 9.14
C ASP B 68 13.45 14.81 7.95
N MET B 69 12.93 15.03 6.75
CA MET B 69 13.53 14.42 5.56
C MET B 69 14.86 15.05 5.21
N VAL B 70 14.97 16.38 5.30
CA VAL B 70 16.25 16.97 4.93
C VAL B 70 17.32 16.54 5.92
N ARG B 71 16.94 16.36 7.21
CA ARG B 71 17.93 15.88 8.17
C ARG B 71 18.36 14.44 7.85
N ILE B 72 17.41 13.55 7.55
CA ILE B 72 17.77 12.20 7.14
C ILE B 72 18.61 12.21 5.86
N LEU B 73 18.23 13.00 4.85
CA LEU B 73 19.07 13.09 3.65
C LEU B 73 20.48 13.57 3.96
N GLY B 74 20.63 14.51 4.90
CA GLY B 74 21.97 14.94 5.29
C GLY B 74 22.76 13.79 5.89
N ASP B 75 22.10 12.93 6.67
CA ASP B 75 22.77 11.76 7.23
C ASP B 75 23.32 10.86 6.14
N PHE B 76 22.61 10.77 5.02
CA PHE B 76 22.99 9.94 3.89
C PHE B 76 23.85 10.68 2.89
N GLY B 77 24.34 11.87 3.25
CA GLY B 77 25.27 12.59 2.40
C GLY B 77 24.66 13.33 1.25
N VAL B 78 23.37 13.67 1.34
CA VAL B 78 22.70 14.40 0.27
C VAL B 78 22.48 15.80 0.82
N PRO B 79 23.27 16.79 0.42
CA PRO B 79 23.06 18.16 0.93
C PRO B 79 21.93 18.83 0.17
N THR B 80 21.21 19.72 0.87
CA THR B 80 19.99 20.29 0.30
C THR B 80 19.93 21.78 0.55
N ARG B 81 19.05 22.44 -0.19
CA ARG B 81 18.52 23.74 0.20
C ARG B 81 17.03 23.70 -0.02
N VAL B 82 16.28 24.47 0.76
CA VAL B 82 14.83 24.33 0.83
C VAL B 82 14.16 25.59 0.32
N GLU B 83 13.04 25.40 -0.41
CA GLU B 83 12.12 26.47 -0.77
C GLU B 83 10.72 26.00 -0.41
N PHE B 84 9.88 26.94 -0.02
CA PHE B 84 8.51 26.62 0.38
C PHE B 84 7.52 27.23 -0.58
N LEU B 85 6.59 26.40 -1.05
CA LEU B 85 5.43 26.78 -1.89
C LEU B 85 4.17 26.47 -1.09
N ARG B 86 3.68 27.46 -0.35
CA ARG B 86 2.52 27.29 0.53
C ARG B 86 1.72 28.58 0.55
N ILE B 110 16.30 27.83 -10.56
CA ILE B 110 16.49 26.39 -10.44
C ILE B 110 17.00 25.82 -11.75
N ARG B 111 17.29 26.72 -12.70
CA ARG B 111 17.83 26.32 -13.99
C ARG B 111 19.07 25.48 -13.78
N GLY B 112 19.13 24.31 -14.40
CA GLY B 112 20.32 23.48 -14.31
C GLY B 112 20.56 22.85 -12.95
N LYS B 113 19.57 22.87 -12.04
CA LYS B 113 19.71 22.31 -10.70
C LYS B 113 18.83 21.07 -10.59
N HIS B 114 19.23 20.15 -9.71
CA HIS B 114 18.39 18.99 -9.42
C HIS B 114 17.37 19.39 -8.38
N VAL B 115 16.10 19.08 -8.66
CA VAL B 115 14.98 19.52 -7.85
C VAL B 115 14.24 18.30 -7.34
N LEU B 116 13.94 18.28 -6.05
CA LEU B 116 13.10 17.25 -5.49
C LEU B 116 11.92 17.94 -4.82
N VAL B 117 10.71 17.66 -5.32
CA VAL B 117 9.50 18.25 -4.78
C VAL B 117 8.98 17.35 -3.67
N LEU B 118 8.78 17.92 -2.47
CA LEU B 118 8.24 17.19 -1.33
C LEU B 118 6.82 17.64 -0.99
N GLU B 119 5.96 16.67 -0.68
CA GLU B 119 4.59 16.96 -0.30
C GLU B 119 4.20 15.95 0.77
N ASP B 120 3.49 16.39 1.80
CA ASP B 120 3.08 15.44 2.83
C ASP B 120 2.04 14.44 2.34
N ILE B 121 1.12 14.85 1.47
CA ILE B 121 0.13 13.89 0.96
C ILE B 121 -0.09 14.12 -0.52
N LEU B 122 -0.31 13.00 -1.23
CA LEU B 122 -0.62 13.00 -2.66
C LEU B 122 -1.93 12.26 -2.81
N ASP B 123 -2.96 12.93 -3.33
CA ASP B 123 -4.29 12.31 -3.33
C ASP B 123 -4.85 12.38 -4.76
N THR B 124 -5.47 13.51 -5.11
CA THR B 124 -5.97 13.70 -6.48
C THR B 124 -4.84 13.93 -7.47
N ALA B 125 -3.68 14.38 -7.00
CA ALA B 125 -2.46 14.70 -7.75
C ALA B 125 -2.57 16.05 -8.47
N LEU B 126 -3.67 16.79 -8.29
CA LEU B 126 -3.78 18.07 -8.97
C LEU B 126 -2.74 19.07 -8.50
N THR B 127 -2.41 19.08 -7.20
CA THR B 127 -1.36 19.98 -6.70
C THR B 127 -0.02 19.67 -7.34
N LEU B 128 0.44 18.42 -7.26
CA LEU B 128 1.78 18.12 -7.75
C LEU B 128 1.87 18.25 -9.26
N ARG B 129 0.82 17.88 -9.99
CA ARG B 129 0.87 18.02 -11.44
C ARG B 129 1.13 19.46 -11.82
N GLU B 130 0.44 20.38 -11.17
CA GLU B 130 0.62 21.79 -11.48
C GLU B 130 2.02 22.26 -11.07
N VAL B 131 2.46 21.90 -9.87
CA VAL B 131 3.77 22.37 -9.39
C VAL B 131 4.88 21.85 -10.29
N VAL B 132 4.84 20.56 -10.64
CA VAL B 132 5.93 19.98 -11.41
C VAL B 132 5.98 20.60 -12.79
N ASP B 133 4.82 20.74 -13.44
CA ASP B 133 4.79 21.33 -14.77
C ASP B 133 5.29 22.77 -14.74
N SER B 134 4.93 23.51 -13.70
CA SER B 134 5.41 24.89 -13.57
C SER B 134 6.93 24.94 -13.34
N LEU B 135 7.45 24.08 -12.45
CA LEU B 135 8.91 24.06 -12.25
C LEU B 135 9.65 23.61 -13.51
N LYS B 136 9.05 22.71 -14.30
CA LYS B 136 9.68 22.30 -15.54
C LYS B 136 9.94 23.48 -16.47
N LYS B 137 9.12 24.55 -16.36
CA LYS B 137 9.30 25.72 -17.22
C LYS B 137 10.66 26.40 -17.01
N SER B 138 11.26 26.25 -15.83
CA SER B 138 12.55 26.86 -15.51
C SER B 138 13.73 25.93 -15.83
N GLU B 139 13.50 24.85 -16.60
CA GLU B 139 14.50 23.89 -17.04
C GLU B 139 15.50 23.48 -15.95
N PRO B 140 15.05 22.82 -14.89
CA PRO B 140 16.00 22.22 -13.95
C PRO B 140 16.76 21.09 -14.61
N ALA B 141 17.92 20.76 -14.05
CA ALA B 141 18.65 19.59 -14.54
C ALA B 141 17.76 18.33 -14.49
N SER B 142 17.06 18.13 -13.38
CA SER B 142 16.12 17.01 -13.27
C SER B 142 15.09 17.38 -12.21
N ILE B 143 13.95 16.72 -12.24
CA ILE B 143 12.94 16.97 -11.23
C ILE B 143 12.21 15.67 -10.92
N LYS B 144 12.11 15.37 -9.63
CA LYS B 144 11.43 14.18 -9.13
C LYS B 144 10.56 14.59 -7.95
N THR B 145 9.69 13.69 -7.49
CA THR B 145 8.81 14.01 -6.39
C THR B 145 8.93 12.95 -5.32
N LEU B 146 8.79 13.41 -4.09
CA LEU B 146 8.85 12.57 -2.89
C LEU B 146 7.65 12.93 -2.03
N VAL B 147 6.81 11.95 -1.71
CA VAL B 147 5.67 12.24 -0.85
C VAL B 147 5.68 11.35 0.38
N ALA B 148 5.18 11.90 1.50
CA ALA B 148 5.14 11.11 2.72
C ALA B 148 4.02 10.09 2.64
N ILE B 149 2.82 10.53 2.27
CA ILE B 149 1.66 9.65 2.20
C ILE B 149 1.09 9.73 0.79
N ASP B 150 0.98 8.58 0.13
CA ASP B 150 0.30 8.51 -1.17
C ASP B 150 -1.05 7.84 -0.91
N LYS B 151 -2.13 8.43 -1.46
CA LYS B 151 -3.43 7.78 -1.48
C LYS B 151 -3.61 7.36 -2.94
N PRO B 152 -3.11 6.19 -3.32
CA PRO B 152 -3.16 5.79 -4.73
C PRO B 152 -4.58 5.80 -5.29
N GLY B 153 -5.58 5.52 -4.47
CA GLY B 153 -6.95 5.45 -4.97
C GLY B 153 -7.66 6.77 -5.15
N GLY B 154 -6.99 7.89 -4.91
CA GLY B 154 -7.66 9.19 -4.91
C GLY B 154 -7.48 10.00 -6.17
N ARG B 155 -6.82 9.46 -7.19
CA ARG B 155 -6.39 10.26 -8.32
C ARG B 155 -7.56 10.83 -9.10
N LYS B 156 -7.44 12.11 -9.46
CA LYS B 156 -8.30 12.67 -10.49
C LYS B 156 -7.59 12.75 -11.84
N ILE B 157 -6.26 12.59 -11.85
CA ILE B 157 -5.42 12.48 -13.03
C ILE B 157 -4.36 11.43 -12.75
N PRO B 158 -3.78 10.83 -13.78
CA PRO B 158 -2.66 9.87 -13.54
C PRO B 158 -1.41 10.59 -13.05
N PHE B 159 -0.79 10.05 -12.00
CA PHE B 159 0.44 10.62 -11.45
C PHE B 159 1.10 9.60 -10.57
N THR B 160 2.42 9.44 -10.73
CA THR B 160 3.22 8.52 -9.94
C THR B 160 4.39 9.30 -9.34
N ALA B 161 4.47 9.32 -8.02
CA ALA B 161 5.64 9.91 -7.37
C ALA B 161 6.85 8.99 -7.52
N GLU B 162 8.05 9.58 -7.71
CA GLU B 162 9.27 8.77 -7.77
C GLU B 162 9.52 8.04 -6.46
N TYR B 163 9.28 8.72 -5.33
CA TYR B 163 9.58 8.18 -4.02
C TYR B 163 8.35 8.34 -3.16
N VAL B 164 7.92 7.26 -2.52
CA VAL B 164 6.75 7.31 -1.66
C VAL B 164 7.13 6.68 -0.33
N VAL B 165 6.89 7.39 0.77
CA VAL B 165 7.23 6.82 2.07
C VAL B 165 6.22 5.74 2.46
N ALA B 166 4.93 6.07 2.37
CA ALA B 166 3.88 5.13 2.80
C ALA B 166 2.61 5.39 2.00
N ASP B 167 1.83 4.31 1.83
CA ASP B 167 0.53 4.29 1.14
C ASP B 167 -0.60 4.22 2.16
N VAL B 168 -1.71 4.91 1.86
CA VAL B 168 -2.89 4.90 2.71
C VAL B 168 -4.11 4.63 1.82
N PRO B 169 -5.15 3.89 2.29
CA PRO B 169 -6.38 3.77 1.48
C PRO B 169 -7.16 5.09 1.44
N ASN B 170 -8.36 5.09 0.86
CA ASN B 170 -9.13 6.34 0.68
C ASN B 170 -9.88 6.70 1.96
N VAL B 171 -9.12 7.20 2.93
CA VAL B 171 -9.64 7.60 4.23
C VAL B 171 -8.99 8.92 4.59
N PHE B 172 -9.64 9.68 5.46
CA PHE B 172 -9.13 10.99 5.83
C PHE B 172 -8.22 10.89 7.05
N VAL B 173 -6.95 11.26 6.89
CA VAL B 173 -5.96 11.11 7.94
C VAL B 173 -5.52 12.48 8.44
N VAL B 174 -5.02 12.52 9.68
CA VAL B 174 -4.34 13.69 10.23
C VAL B 174 -3.04 13.24 10.88
N GLY B 175 -2.21 14.21 11.22
CA GLY B 175 -0.94 13.94 11.88
C GLY B 175 0.23 14.10 10.92
N TYR B 176 1.41 14.14 11.52
CA TYR B 176 2.67 14.29 10.77
C TYR B 176 2.57 15.45 9.77
N GLY B 177 1.98 16.58 10.22
CA GLY B 177 1.81 17.77 9.40
C GLY B 177 0.41 17.92 8.81
N LEU B 178 -0.34 16.82 8.67
CA LEU B 178 -1.67 16.85 8.07
C LEU B 178 -2.72 17.32 9.08
N ASP B 179 -3.54 18.29 8.67
CA ASP B 179 -4.46 18.98 9.57
C ASP B 179 -5.90 18.59 9.30
N TYR B 180 -6.73 18.86 10.30
CA TYR B 180 -8.17 19.04 10.09
C TYR B 180 -8.47 20.44 10.61
N ASP B 181 -8.87 21.33 9.70
CA ASP B 181 -9.13 22.76 9.98
C ASP B 181 -8.06 23.37 10.87
N GLN B 182 -6.81 23.17 10.48
CA GLN B 182 -5.59 23.73 11.07
C GLN B 182 -5.14 23.04 12.36
N SER B 183 -5.89 22.09 12.90
CA SER B 183 -5.51 21.37 14.11
C SER B 183 -4.95 19.99 13.74
N TYR B 184 -4.31 19.36 14.73
CA TYR B 184 -3.79 17.99 14.70
C TYR B 184 -2.53 17.82 13.86
N ARG B 185 -1.96 18.89 13.33
CA ARG B 185 -0.74 18.69 12.54
C ARG B 185 0.39 18.15 13.40
N GLU B 186 0.36 18.47 14.71
CA GLU B 186 1.47 18.11 15.58
C GLU B 186 1.40 16.66 16.08
N VAL B 187 0.33 15.92 15.77
CA VAL B 187 0.27 14.50 16.14
C VAL B 187 1.42 13.78 15.46
N ARG B 188 2.17 13.02 16.26
CA ARG B 188 3.43 12.46 15.75
C ARG B 188 3.19 11.35 14.73
N ASP B 189 2.01 10.74 14.75
CA ASP B 189 1.64 9.62 13.91
C ASP B 189 0.60 10.05 12.87
N VAL B 190 0.48 9.26 11.80
CA VAL B 190 -0.59 9.44 10.84
C VAL B 190 -1.77 8.57 11.29
N VAL B 191 -2.91 9.21 11.54
CA VAL B 191 -4.07 8.53 12.12
C VAL B 191 -5.33 8.84 11.31
N ILE B 192 -6.31 7.95 11.41
CA ILE B 192 -7.60 8.21 10.82
C ILE B 192 -8.41 9.05 11.79
N LEU B 193 -8.86 10.21 11.33
CA LEU B 193 -9.64 11.11 12.17
C LEU B 193 -11.02 10.51 12.44
N LYS B 194 -11.44 10.57 13.69
CA LYS B 194 -12.76 10.07 14.08
C LYS B 194 -13.84 10.86 13.37
N PRO B 195 -14.78 10.20 12.69
CA PRO B 195 -15.81 10.95 11.98
C PRO B 195 -16.57 11.92 12.88
N SER B 196 -16.71 11.59 14.17
CA SER B 196 -17.45 12.46 15.08
C SER B 196 -16.77 13.80 15.24
N VAL B 197 -15.44 13.84 15.12
CA VAL B 197 -14.73 15.11 15.21
C VAL B 197 -15.18 16.04 14.09
N TYR B 198 -15.21 15.55 12.86
CA TYR B 198 -15.51 16.47 11.77
C TYR B 198 -17.01 16.63 11.50
N GLU B 199 -17.85 15.71 11.96
CA GLU B 199 -19.29 15.95 11.89
C GLU B 199 -19.69 17.09 12.84
N THR B 200 -19.25 16.99 14.09
CA THR B 200 -19.51 18.04 15.08
C THR B 200 -18.95 19.39 14.62
N TRP B 201 -17.66 19.42 14.28
CA TRP B 201 -17.01 20.71 14.03
C TRP B 201 -17.59 21.38 12.79
N GLY B 202 -17.86 20.60 11.73
CA GLY B 202 -18.39 21.21 10.52
C GLY B 202 -19.74 21.87 10.75
N LYS B 203 -20.54 21.38 11.70
CA LYS B 203 -21.89 21.90 11.93
C LYS B 203 -21.85 23.24 12.65
OAE 45T C . -9.38 -19.55 8.84
PBA 45T C . -9.95 -18.17 9.06
OAF 45T C . -11.14 -18.38 9.96
OAC 45T C . -10.26 -17.47 7.77
CAL 45T C . -8.84 -17.15 10.13
CAJ 45T C . -7.63 -16.57 9.43
OAS 45T C . -6.97 -15.82 10.43
CAN 45T C . -5.58 -15.94 10.44
CAY 45T C . -4.98 -14.54 10.43
OAT 45T C . -4.40 -14.31 9.19
CAK 45T C . -3.17 -14.97 9.30
CAM 45T C . -2.24 -14.44 8.25
PBB 45T C . -0.48 -14.58 8.83
OAG 45T C . -0.10 -16.04 9.13
OAH 45T C . -0.31 -13.78 10.10
OAD 45T C . 0.32 -14.05 7.68
CAO 45T C . -6.02 -13.49 10.76
N9 45T C . -5.67 -12.09 10.57
C4 45T C . -6.66 -11.27 10.38
N3 45T C . -8.08 -11.59 10.32
C2 45T C . -9.00 -10.51 10.11
N2 45T C . -10.40 -10.69 10.06
N1 45T C . -8.52 -9.17 9.95
C6 45T C . -7.13 -8.86 9.99
O6 45T C . -6.80 -7.71 9.87
C5 45T C . -6.16 -9.99 10.23
N7 45T C . -4.82 -10.09 10.33
C8 45T C . -4.54 -11.38 10.54
C1 PEG D . -15.74 -10.40 -10.17
O1 PEG D . -15.43 -10.71 -11.49
C2 PEG D . -16.15 -11.66 -9.42
O2 PEG D . -17.17 -12.38 -10.03
C3 PEG D . -18.31 -11.68 -10.41
C4 PEG D . -19.47 -12.55 -9.94
O4 PEG D . -19.40 -12.47 -8.54
OAE 45T E . -1.76 23.53 2.88
PBA 45T E . -2.35 22.64 3.96
OAF 45T E . -2.98 23.55 4.99
OAC 45T E . -1.29 21.75 4.54
CAL 45T E . -3.77 21.63 3.34
CAJ 45T E . -3.33 20.63 2.29
OAS 45T E . -4.53 20.09 1.81
CAN 45T E . -4.48 19.72 0.45
CAY 45T E . -5.02 18.29 0.32
OAT 45T E . -3.99 17.51 -0.19
CAK 45T E . -3.91 17.83 -1.53
CAM 45T E . -3.18 16.75 -2.27
PBB 45T E . -3.83 16.54 -4.00
OAG 45T E . -3.68 17.81 -4.85
OAH 45T E . -5.30 16.19 -3.89
OAD 45T E . -2.93 15.49 -4.58
CAO 45T E . -5.55 17.75 1.62
N9 45T E . -5.82 16.32 1.74
C4 45T E . -5.81 15.77 2.94
N3 45T E . -5.56 16.42 4.23
C2 45T E . -5.62 15.64 5.43
N2 45T E . -5.41 16.19 6.72
N1 45T E . -5.91 14.22 5.32
C6 45T E . -6.16 13.58 4.07
O6 45T E . -6.40 12.41 4.08
C5 45T E . -6.10 14.42 2.81
N7 45T E . -6.26 14.19 1.49
C8 45T E . -6.08 15.35 0.85
C1 PEG F . 10.77 13.45 15.52
O1 PEG F . 12.04 13.91 15.22
C2 PEG F . 10.21 14.58 16.37
O2 PEG F . 11.17 14.95 17.29
C3 PEG F . 10.80 16.07 18.05
C4 PEG F . 11.65 16.00 19.29
O4 PEG F . 11.04 15.08 20.17
#